data_3TNU
#
_entry.id   3TNU
#
_cell.length_a   150.991
_cell.length_b   150.991
_cell.length_c   141.623
_cell.angle_alpha   90.00
_cell.angle_beta   90.00
_cell.angle_gamma   120.00
#
_symmetry.space_group_name_H-M   'H 3 2'
#
loop_
_entity.id
_entity.type
_entity.pdbx_description
1 polymer 'Keratin, type I cytoskeletal 14'
2 polymer 'Keratin, type II cytoskeletal 5'
3 water water
#
loop_
_entity_poly.entity_id
_entity_poly.type
_entity_poly.pdbx_seq_one_letter_code
_entity_poly.pdbx_strand_id
1 'polypeptide(L)'
;GSTAEKNRKDAEEWFFTKTEELNREVATNSELVQSGKSEISELRRTMQNLEIELQSQLSMKASLENSLEETKGRYCMQLA
QIQEMIGSVEEQLAQLRCEMEQQNQEYKILLDVKTRLEQEIATYRRLLEGE
;
A
2 'polypeptide(L)'
;MANRSRTEAESWYQTKYEELQQTAGRHGDDLRNTKHEISEMNRMIQRLRAEIDNVKKQCANLQNAIADAEQRGELALKDA
RNKLAELEEALQKAKQDMARLLREYQELMNTKLALDVEIATYRKLLEGE
;
B
#
# COMPACT_ATOMS: atom_id res chain seq x y z
N SER A 41 46.95 6.07 45.59
CA SER A 41 46.44 4.80 45.10
C SER A 41 44.93 4.77 45.24
N GLU A 42 44.43 5.11 46.41
CA GLU A 42 42.99 5.15 46.62
C GLU A 42 42.36 6.14 45.66
N LEU A 43 43.10 7.21 45.36
CA LEU A 43 42.69 8.13 44.31
C LEU A 43 42.79 7.47 42.94
N ARG A 44 43.95 6.87 42.64
CA ARG A 44 44.13 6.18 41.37
C ARG A 44 43.04 5.15 41.16
N ARG A 45 42.61 4.51 42.24
CA ARG A 45 41.59 3.48 42.16
C ARG A 45 40.27 4.05 41.68
N THR A 46 39.81 5.12 42.31
CA THR A 46 38.52 5.69 41.92
C THR A 46 38.56 6.29 40.52
N MET A 47 39.73 6.76 40.10
CA MET A 47 39.86 7.28 38.74
C MET A 47 39.72 6.15 37.73
N GLN A 48 40.29 5.00 38.07
CA GLN A 48 40.26 3.85 37.17
C GLN A 48 38.87 3.25 37.09
N ASN A 49 38.22 3.15 38.25
CA ASN A 49 36.83 2.73 38.29
C ASN A 49 35.94 3.60 37.39
N LEU A 50 36.22 4.91 37.36
CA LEU A 50 35.51 5.82 36.49
C LEU A 50 35.83 5.55 35.02
N GLU A 51 37.09 5.28 34.73
CA GLU A 51 37.50 4.90 33.38
C GLU A 51 36.69 3.69 32.92
N ILE A 52 36.46 2.76 33.84
CA ILE A 52 35.67 1.58 33.55
C ILE A 52 34.21 1.94 33.33
N GLU A 53 33.65 2.72 34.26
CA GLU A 53 32.25 3.13 34.17
C GLU A 53 31.96 3.86 32.87
N LEU A 54 32.89 4.71 32.46
CA LEU A 54 32.76 5.37 31.18
C LEU A 54 32.60 4.33 30.07
N GLN A 55 33.41 3.29 30.13
CA GLN A 55 33.34 2.22 29.12
C GLN A 55 31.98 1.53 29.04
N SER A 56 31.41 1.21 30.20
CA SER A 56 30.07 0.66 30.29
C SER A 56 29.11 1.53 29.50
N GLN A 57 28.96 2.77 29.99
CA GLN A 57 28.15 3.77 29.32
C GLN A 57 28.41 3.80 27.83
N LEU A 58 29.68 3.91 27.47
CA LEU A 58 30.08 4.00 26.08
C LEU A 58 29.57 2.83 25.26
N SER A 59 29.63 1.64 25.85
CA SER A 59 29.10 0.44 25.22
C SER A 59 27.59 0.53 25.13
N MET A 60 26.94 0.60 26.29
CA MET A 60 25.49 0.74 26.35
C MET A 60 24.99 1.74 25.31
N LYS A 61 25.74 2.81 25.11
CA LYS A 61 25.35 3.82 24.13
C LYS A 61 25.44 3.27 22.71
N ALA A 62 26.54 2.59 22.41
CA ALA A 62 26.78 2.07 21.06
C ALA A 62 25.69 1.11 20.58
N SER A 63 25.33 0.17 21.46
CA SER A 63 24.29 -0.80 21.14
C SER A 63 22.93 -0.13 21.01
N LEU A 64 22.78 0.97 21.74
CA LEU A 64 21.57 1.78 21.67
C LEU A 64 21.47 2.49 20.33
N GLU A 65 22.62 2.94 19.83
CA GLU A 65 22.70 3.56 18.50
C GLU A 65 22.32 2.55 17.43
N ASN A 66 22.88 1.36 17.52
CA ASN A 66 22.59 0.32 16.54
C ASN A 66 21.15 -0.16 16.62
N SER A 67 20.65 -0.28 17.85
CA SER A 67 19.25 -0.60 18.05
C SER A 67 18.35 0.42 17.35
N LEU A 68 18.74 1.69 17.39
CA LEU A 68 17.95 2.72 16.72
C LEU A 68 17.98 2.54 15.22
N GLU A 69 19.15 2.25 14.67
CA GLU A 69 19.30 2.05 13.23
C GLU A 69 18.44 0.85 12.81
N GLU A 70 18.51 -0.20 13.61
CA GLU A 70 17.72 -1.41 13.39
C GLU A 70 16.23 -1.08 13.27
N THR A 71 15.70 -0.49 14.32
CA THR A 71 14.32 -0.01 14.33
C THR A 71 13.95 0.77 13.07
N LYS A 72 14.81 1.72 12.70
CA LYS A 72 14.51 2.62 11.59
C LYS A 72 14.39 1.89 10.26
N GLY A 73 15.37 1.06 9.95
CA GLY A 73 15.32 0.26 8.74
C GLY A 73 14.13 -0.69 8.74
N ARG A 74 13.93 -1.35 9.88
CA ARG A 74 12.80 -2.28 10.03
C ARG A 74 11.49 -1.67 9.55
N TYR A 75 11.10 -0.56 10.17
CA TYR A 75 9.88 0.12 9.77
C TYR A 75 9.96 0.60 8.33
N CYS A 76 11.12 1.15 7.95
CA CYS A 76 11.34 1.57 6.57
C CYS A 76 10.96 0.45 5.56
N MET A 77 11.54 -0.73 5.75
CA MET A 77 11.22 -1.91 4.95
C MET A 77 9.75 -2.31 5.05
N GLN A 78 9.29 -2.65 6.25
CA GLN A 78 7.90 -3.04 6.45
C GLN A 78 6.95 -2.12 5.70
N LEU A 79 7.22 -0.82 5.78
CA LEU A 79 6.41 0.17 5.08
C LEU A 79 6.52 -0.01 3.57
N ALA A 80 7.75 0.03 3.04
CA ALA A 80 8.03 -0.26 1.63
C ALA A 80 7.25 -1.44 1.05
N GLN A 81 7.14 -2.50 1.84
CA GLN A 81 6.44 -3.71 1.45
C GLN A 81 4.96 -3.46 1.22
N ILE A 82 4.32 -2.82 2.18
CA ILE A 82 2.89 -2.52 2.10
C ILE A 82 2.64 -1.52 0.99
N GLN A 83 3.52 -0.52 0.89
CA GLN A 83 3.49 0.43 -0.21
C GLN A 83 3.38 -0.33 -1.54
N GLU A 84 4.20 -1.37 -1.67
CA GLU A 84 4.22 -2.15 -2.90
C GLU A 84 2.90 -2.91 -3.11
N MET A 85 2.39 -3.55 -2.06
CA MET A 85 1.10 -4.24 -2.16
C MET A 85 0.08 -3.28 -2.74
N ILE A 86 -0.03 -2.13 -2.10
CA ILE A 86 -0.97 -1.10 -2.51
C ILE A 86 -0.78 -0.75 -3.98
N GLY A 87 0.47 -0.61 -4.41
CA GLY A 87 0.76 -0.45 -5.81
C GLY A 87 0.10 -1.52 -6.64
N SER A 88 0.36 -2.79 -6.30
CA SER A 88 -0.18 -3.92 -7.06
C SER A 88 -1.69 -3.87 -7.16
N VAL A 89 -2.34 -3.64 -6.04
CA VAL A 89 -3.80 -3.60 -6.00
C VAL A 89 -4.34 -2.42 -6.80
N GLU A 90 -3.76 -1.24 -6.58
CA GLU A 90 -4.15 -0.05 -7.34
C GLU A 90 -4.19 -0.35 -8.83
N GLU A 91 -3.14 -1.02 -9.32
CA GLU A 91 -2.99 -1.28 -10.74
C GLU A 91 -3.87 -2.45 -11.17
N GLN A 92 -3.98 -3.45 -10.30
CA GLN A 92 -4.92 -4.53 -10.50
C GLN A 92 -6.30 -3.92 -10.69
N LEU A 93 -6.67 -3.04 -9.76
CA LEU A 93 -7.94 -2.34 -9.81
C LEU A 93 -8.09 -1.46 -11.04
N ALA A 94 -7.05 -0.72 -11.37
CA ALA A 94 -7.09 0.15 -12.53
C ALA A 94 -7.27 -0.66 -13.81
N GLN A 95 -6.40 -1.65 -14.01
CA GLN A 95 -6.50 -2.57 -15.12
C GLN A 95 -7.94 -3.05 -15.31
N LEU A 96 -8.55 -3.51 -14.23
CA LEU A 96 -9.94 -3.94 -14.26
C LEU A 96 -10.88 -2.84 -14.73
N ARG A 97 -10.77 -1.66 -14.11
CA ARG A 97 -11.65 -0.55 -14.42
C ARG A 97 -11.55 -0.18 -15.90
N CYS A 98 -10.34 -0.28 -16.44
CA CYS A 98 -10.14 -0.02 -17.86
C CYS A 98 -10.90 -1.05 -18.69
N GLU A 99 -10.85 -2.31 -18.25
CA GLU A 99 -11.53 -3.39 -18.95
C GLU A 99 -13.05 -3.33 -18.85
N MET A 100 -13.54 -2.79 -17.74
CA MET A 100 -14.97 -2.54 -17.59
C MET A 100 -15.40 -1.50 -18.59
N GLU A 101 -14.55 -0.50 -18.81
CA GLU A 101 -14.87 0.52 -19.80
C GLU A 101 -14.98 -0.10 -21.19
N GLN A 102 -13.94 -0.82 -21.60
CA GLN A 102 -13.97 -1.55 -22.85
C GLN A 102 -15.25 -2.38 -23.03
N GLN A 103 -15.64 -3.08 -21.96
CA GLN A 103 -16.85 -3.88 -21.96
C GLN A 103 -18.07 -3.03 -22.30
N ASN A 104 -18.24 -1.95 -21.55
CA ASN A 104 -19.36 -1.04 -21.75
C ASN A 104 -19.49 -0.54 -23.19
N GLN A 105 -18.35 -0.26 -23.79
CA GLN A 105 -18.31 0.16 -25.19
C GLN A 105 -18.83 -0.95 -26.08
N GLU A 106 -18.31 -2.15 -25.86
CA GLU A 106 -18.75 -3.34 -26.60
C GLU A 106 -20.26 -3.53 -26.48
N TYR A 107 -20.77 -3.40 -25.26
CA TYR A 107 -22.20 -3.52 -25.03
C TYR A 107 -22.96 -2.49 -25.86
N LYS A 108 -22.42 -1.27 -25.92
CA LYS A 108 -23.03 -0.20 -26.70
C LYS A 108 -23.13 -0.59 -28.18
N ILE A 109 -22.01 -1.06 -28.73
CA ILE A 109 -21.98 -1.56 -30.11
C ILE A 109 -23.10 -2.54 -30.36
N LEU A 110 -23.13 -3.60 -29.54
CA LEU A 110 -24.14 -4.63 -29.66
C LEU A 110 -25.53 -4.03 -29.60
N LEU A 111 -25.76 -3.20 -28.60
CA LEU A 111 -27.06 -2.57 -28.38
C LEU A 111 -27.53 -1.74 -29.59
N ASP A 112 -26.61 -1.08 -30.26
CA ASP A 112 -26.97 -0.29 -31.42
C ASP A 112 -27.45 -1.17 -32.56
N VAL A 113 -26.79 -2.31 -32.71
CA VAL A 113 -27.22 -3.29 -33.68
C VAL A 113 -28.64 -3.72 -33.33
N LYS A 114 -28.83 -4.09 -32.06
CA LYS A 114 -30.08 -4.69 -31.62
C LYS A 114 -31.27 -3.81 -31.93
N THR A 115 -31.14 -2.51 -31.65
CA THR A 115 -32.25 -1.60 -31.83
C THR A 115 -32.52 -1.38 -33.32
N ARG A 116 -31.44 -1.43 -34.10
CA ARG A 116 -31.56 -1.26 -35.54
C ARG A 116 -32.35 -2.42 -36.13
N LEU A 117 -31.98 -3.64 -35.75
CA LEU A 117 -32.71 -4.83 -36.17
C LEU A 117 -34.19 -4.67 -35.89
N GLU A 118 -34.52 -4.16 -34.72
CA GLU A 118 -35.90 -3.89 -34.36
C GLU A 118 -36.61 -3.02 -35.39
N GLN A 119 -35.88 -2.09 -35.99
CA GLN A 119 -36.48 -1.19 -36.97
C GLN A 119 -36.53 -1.77 -38.39
N GLU A 120 -35.76 -2.82 -38.63
CA GLU A 120 -35.91 -3.59 -39.86
C GLU A 120 -37.18 -4.40 -39.75
N ILE A 121 -37.23 -5.24 -38.73
CA ILE A 121 -38.42 -6.01 -38.41
C ILE A 121 -39.67 -5.15 -38.50
N ALA A 122 -39.56 -3.90 -38.06
CA ALA A 122 -40.69 -2.98 -38.07
C ALA A 122 -41.13 -2.61 -39.48
N THR A 123 -40.17 -2.53 -40.40
CA THR A 123 -40.51 -2.18 -41.77
C THR A 123 -40.94 -3.41 -42.55
N TYR A 124 -40.47 -4.59 -42.13
CA TYR A 124 -40.95 -5.85 -42.68
C TYR A 124 -42.41 -6.03 -42.30
N ARG A 125 -42.66 -6.04 -40.99
CA ARG A 125 -44.00 -6.18 -40.45
C ARG A 125 -44.90 -5.06 -40.97
N ARG A 126 -44.34 -4.21 -41.81
CA ARG A 126 -45.06 -3.09 -42.39
C ARG A 126 -45.43 -3.41 -43.82
N LEU A 127 -44.45 -3.83 -44.60
CA LEU A 127 -44.62 -4.07 -46.03
C LEU A 127 -45.58 -5.22 -46.32
N LEU A 128 -45.72 -6.12 -45.35
CA LEU A 128 -46.53 -7.32 -45.54
C LEU A 128 -48.02 -7.02 -45.63
N GLU A 129 -48.55 -6.27 -44.66
CA GLU A 129 -49.96 -5.96 -44.65
C GLU A 129 -50.28 -4.65 -45.38
N GLY A 130 -49.24 -3.88 -45.68
CA GLY A 130 -49.38 -2.64 -46.45
C GLY A 130 -49.35 -2.87 -47.96
N THR B 34 54.22 12.98 43.55
CA THR B 34 52.80 12.65 43.44
C THR B 34 51.90 13.86 43.74
N LYS B 35 52.48 14.91 44.32
CA LYS B 35 51.72 16.13 44.61
C LYS B 35 51.16 16.72 43.32
N HIS B 36 51.85 16.43 42.22
CA HIS B 36 51.40 16.82 40.89
C HIS B 36 50.58 15.72 40.23
N GLU B 37 51.07 14.48 40.30
CA GLU B 37 50.34 13.34 39.76
C GLU B 37 48.90 13.45 40.18
N ILE B 38 48.72 13.84 41.43
CA ILE B 38 47.41 14.10 42.00
C ILE B 38 46.56 15.08 41.20
N SER B 39 47.08 16.30 41.01
CA SER B 39 46.36 17.32 40.25
C SER B 39 45.91 16.79 38.90
N GLU B 40 46.72 15.92 38.29
CA GLU B 40 46.37 15.33 37.01
C GLU B 40 45.28 14.26 37.15
N MET B 41 45.29 13.53 38.26
CA MET B 41 44.24 12.55 38.52
C MET B 41 42.92 13.25 38.86
N ASN B 42 42.98 14.29 39.68
CA ASN B 42 41.79 15.08 40.00
C ASN B 42 41.14 15.68 38.76
N ARG B 43 41.97 16.12 37.81
CA ARG B 43 41.49 16.69 36.56
C ARG B 43 40.91 15.60 35.64
N MET B 44 41.49 14.41 35.68
CA MET B 44 40.97 13.26 34.95
C MET B 44 39.60 12.87 35.46
N ILE B 45 39.50 12.65 36.77
CA ILE B 45 38.22 12.39 37.41
C ILE B 45 37.15 13.40 36.97
N GLN B 46 37.54 14.67 36.93
CA GLN B 46 36.66 15.73 36.45
C GLN B 46 36.26 15.50 35.00
N ARG B 47 37.23 15.24 34.13
CA ARG B 47 36.99 14.93 32.73
C ARG B 47 36.10 13.72 32.60
N LEU B 48 36.36 12.73 33.45
CA LEU B 48 35.67 11.45 33.40
C LEU B 48 34.21 11.54 33.77
N ARG B 49 33.88 12.16 34.90
CA ARG B 49 32.48 12.27 35.27
C ARG B 49 31.78 13.15 34.27
N ALA B 50 32.48 14.18 33.84
CA ALA B 50 31.97 15.11 32.84
C ALA B 50 31.41 14.35 31.65
N GLU B 51 32.21 13.40 31.13
CA GLU B 51 31.79 12.65 29.94
C GLU B 51 30.81 11.54 30.29
N ILE B 52 31.02 10.84 31.39
CA ILE B 52 30.06 9.84 31.84
C ILE B 52 28.68 10.45 31.86
N ASP B 53 28.57 11.58 32.55
CA ASP B 53 27.29 12.26 32.67
C ASP B 53 26.77 12.67 31.30
N ASN B 54 27.70 12.90 30.37
CA ASN B 54 27.31 13.32 29.03
C ASN B 54 26.70 12.17 28.23
N VAL B 55 27.46 11.09 28.11
CA VAL B 55 26.98 9.85 27.52
C VAL B 55 25.58 9.46 28.05
N LYS B 56 25.38 9.67 29.35
CA LYS B 56 24.08 9.38 29.93
C LYS B 56 22.96 10.19 29.25
N LYS B 57 23.23 11.47 28.98
CA LYS B 57 22.27 12.31 28.24
C LYS B 57 22.01 11.72 26.86
N GLN B 58 23.11 11.45 26.15
CA GLN B 58 23.03 10.88 24.81
C GLN B 58 22.16 9.63 24.79
N CYS B 59 22.47 8.68 25.67
CA CYS B 59 21.68 7.47 25.80
C CYS B 59 20.20 7.81 25.96
N ALA B 60 19.90 8.69 26.90
CA ALA B 60 18.53 9.12 27.15
C ALA B 60 17.84 9.65 25.89
N ASN B 61 18.60 10.31 25.04
CA ASN B 61 18.04 10.86 23.81
C ASN B 61 17.78 9.77 22.78
N LEU B 62 18.76 8.89 22.59
CA LEU B 62 18.60 7.72 21.74
C LEU B 62 17.35 6.98 22.15
N GLN B 63 17.16 6.87 23.46
CA GLN B 63 16.01 6.20 24.01
C GLN B 63 14.73 6.83 23.46
N ASN B 64 14.66 8.16 23.49
CA ASN B 64 13.53 8.88 22.92
C ASN B 64 13.45 8.63 21.43
N ALA B 65 14.52 8.99 20.72
CA ALA B 65 14.66 8.70 19.29
C ALA B 65 13.95 7.41 18.90
N ILE B 66 14.24 6.34 19.65
CA ILE B 66 13.68 5.02 19.38
C ILE B 66 12.16 4.97 19.57
N ALA B 67 11.69 5.44 20.72
CA ALA B 67 10.26 5.47 20.99
C ALA B 67 9.48 6.24 19.94
N ASP B 68 10.05 7.34 19.45
CA ASP B 68 9.39 8.17 18.45
C ASP B 68 9.29 7.43 17.14
N ALA B 69 10.38 6.75 16.76
CA ALA B 69 10.41 5.98 15.54
C ALA B 69 9.35 4.89 15.56
N GLU B 70 9.22 4.23 16.70
CA GLU B 70 8.24 3.16 16.85
C GLU B 70 6.84 3.72 16.72
N GLN B 71 6.57 4.77 17.48
CA GLN B 71 5.26 5.41 17.44
C GLN B 71 4.95 5.89 16.04
N ARG B 72 5.91 6.60 15.45
CA ARG B 72 5.76 7.17 14.11
C ARG B 72 5.51 6.07 13.07
N GLY B 73 6.31 5.01 13.14
CA GLY B 73 6.20 3.91 12.20
C GLY B 73 4.92 3.11 12.37
N GLU B 74 4.60 2.77 13.61
CA GLU B 74 3.40 1.99 13.89
C GLU B 74 2.19 2.65 13.24
N LEU B 75 2.22 3.97 13.25
CA LEU B 75 1.16 4.78 12.68
C LEU B 75 1.13 4.68 11.16
N ALA B 76 2.24 5.01 10.52
CA ALA B 76 2.37 4.92 9.06
C ALA B 76 1.86 3.58 8.51
N LEU B 77 2.19 2.49 9.21
CA LEU B 77 1.66 1.17 8.88
C LEU B 77 0.13 1.10 9.05
N LYS B 78 -0.40 1.63 10.14
CA LYS B 78 -1.86 1.66 10.31
C LYS B 78 -2.49 2.41 9.15
N ASP B 79 -1.92 3.55 8.79
CA ASP B 79 -2.41 4.31 7.64
C ASP B 79 -2.48 3.41 6.42
N ALA B 80 -1.33 2.85 6.04
CA ALA B 80 -1.23 2.01 4.86
C ALA B 80 -2.21 0.84 4.90
N ARG B 81 -2.30 0.18 6.05
CA ARG B 81 -3.17 -0.98 6.19
C ARG B 81 -4.66 -0.66 5.98
N ASN B 82 -5.02 0.61 6.18
CA ASN B 82 -6.37 1.09 5.87
C ASN B 82 -6.54 1.29 4.38
N LYS B 83 -5.66 2.07 3.78
CA LYS B 83 -5.73 2.33 2.35
C LYS B 83 -5.88 1.01 1.61
N LEU B 84 -5.10 0.03 2.07
CA LEU B 84 -5.15 -1.32 1.53
C LEU B 84 -6.57 -1.88 1.59
N ALA B 85 -7.09 -2.05 2.80
CA ALA B 85 -8.43 -2.58 2.97
C ALA B 85 -9.48 -1.76 2.22
N GLU B 86 -9.23 -0.46 2.06
CA GLU B 86 -10.11 0.39 1.26
C GLU B 86 -10.12 -0.09 -0.18
N LEU B 87 -8.92 -0.16 -0.76
CA LEU B 87 -8.73 -0.72 -2.08
C LEU B 87 -9.33 -2.12 -2.20
N GLU B 88 -8.98 -2.96 -1.24
CA GLU B 88 -9.37 -4.36 -1.25
C GLU B 88 -10.87 -4.49 -1.48
N GLU B 89 -11.62 -3.66 -0.76
CA GLU B 89 -13.06 -3.59 -0.88
C GLU B 89 -13.46 -3.08 -2.27
N ALA B 90 -12.90 -1.94 -2.66
CA ALA B 90 -13.13 -1.37 -3.98
C ALA B 90 -12.97 -2.40 -5.09
N LEU B 91 -11.89 -3.19 -5.00
CA LEU B 91 -11.57 -4.17 -6.00
C LEU B 91 -12.64 -5.26 -6.08
N GLN B 92 -13.16 -5.66 -4.92
CA GLN B 92 -14.18 -6.70 -4.90
C GLN B 92 -15.43 -6.16 -5.55
N LYS B 93 -15.74 -4.90 -5.29
CA LYS B 93 -16.90 -4.27 -5.91
C LYS B 93 -16.77 -4.27 -7.43
N ALA B 94 -15.61 -3.83 -7.93
CA ALA B 94 -15.36 -3.82 -9.36
C ALA B 94 -15.56 -5.21 -9.92
N LYS B 95 -14.87 -6.19 -9.31
CA LYS B 95 -14.97 -7.58 -9.72
C LYS B 95 -16.41 -8.03 -9.92
N GLN B 96 -17.31 -7.56 -9.04
CA GLN B 96 -18.72 -7.93 -9.10
C GLN B 96 -19.45 -7.22 -10.23
N ASP B 97 -19.14 -5.95 -10.43
CA ASP B 97 -19.74 -5.19 -11.51
C ASP B 97 -19.32 -5.77 -12.86
N MET B 98 -18.07 -6.23 -12.96
CA MET B 98 -17.63 -6.87 -14.19
C MET B 98 -18.37 -8.18 -14.41
N ALA B 99 -18.62 -8.89 -13.31
CA ALA B 99 -19.44 -10.09 -13.33
C ALA B 99 -20.79 -9.80 -13.97
N ARG B 100 -21.47 -8.81 -13.39
CA ARG B 100 -22.79 -8.39 -13.86
C ARG B 100 -22.77 -7.90 -15.29
N LEU B 101 -21.77 -7.10 -15.66
CA LEU B 101 -21.65 -6.58 -17.03
C LEU B 101 -21.64 -7.68 -18.08
N LEU B 102 -20.82 -8.69 -17.82
CA LEU B 102 -20.66 -9.81 -18.74
C LEU B 102 -21.95 -10.60 -18.88
N ARG B 103 -22.73 -10.66 -17.80
CA ARG B 103 -24.02 -11.31 -17.80
C ARG B 103 -25.03 -10.52 -18.62
N GLU B 104 -25.00 -9.20 -18.45
CA GLU B 104 -25.89 -8.32 -19.19
C GLU B 104 -25.60 -8.39 -20.70
N TYR B 105 -24.34 -8.60 -21.05
CA TYR B 105 -23.95 -8.71 -22.44
C TYR B 105 -24.53 -9.96 -23.08
N GLN B 106 -24.42 -11.08 -22.38
CA GLN B 106 -24.90 -12.33 -22.92
C GLN B 106 -26.41 -12.28 -23.16
N GLU B 107 -27.16 -11.68 -22.25
CA GLU B 107 -28.61 -11.55 -22.44
C GLU B 107 -28.94 -10.74 -23.68
N LEU B 108 -28.21 -9.64 -23.87
CA LEU B 108 -28.35 -8.86 -25.08
C LEU B 108 -28.00 -9.69 -26.31
N MET B 109 -26.84 -10.35 -26.28
CA MET B 109 -26.43 -11.16 -27.42
C MET B 109 -27.55 -12.13 -27.81
N ASN B 110 -28.14 -12.76 -26.81
CA ASN B 110 -29.26 -13.67 -27.01
C ASN B 110 -30.33 -13.01 -27.84
N THR B 111 -31.01 -12.07 -27.19
CA THR B 111 -32.19 -11.47 -27.76
C THR B 111 -31.87 -10.89 -29.14
N LYS B 112 -30.60 -10.61 -29.36
CA LYS B 112 -30.13 -10.13 -30.67
C LYS B 112 -30.29 -11.21 -31.75
N LEU B 113 -29.71 -12.38 -31.47
CA LEU B 113 -29.81 -13.51 -32.38
C LEU B 113 -31.28 -13.90 -32.58
N ALA B 114 -32.07 -13.73 -31.53
CA ALA B 114 -33.53 -13.93 -31.60
C ALA B 114 -34.14 -13.19 -32.79
N LEU B 115 -33.61 -12.01 -33.06
CA LEU B 115 -34.10 -11.18 -34.14
C LEU B 115 -33.48 -11.59 -35.47
N ASP B 116 -32.28 -12.15 -35.39
CA ASP B 116 -31.60 -12.64 -36.57
C ASP B 116 -32.47 -13.69 -37.23
N VAL B 117 -33.20 -14.41 -36.39
CA VAL B 117 -34.16 -15.38 -36.87
C VAL B 117 -35.30 -14.66 -37.54
N GLU B 118 -36.06 -13.92 -36.74
CA GLU B 118 -37.26 -13.26 -37.26
C GLU B 118 -36.96 -12.60 -38.60
N ILE B 119 -35.81 -11.95 -38.72
CA ILE B 119 -35.43 -11.29 -39.97
C ILE B 119 -35.32 -12.29 -41.12
N ALA B 120 -34.53 -13.35 -40.93
CA ALA B 120 -34.35 -14.39 -41.95
C ALA B 120 -35.70 -14.95 -42.45
N THR B 121 -36.59 -15.21 -41.49
CA THR B 121 -37.91 -15.72 -41.82
C THR B 121 -38.80 -14.65 -42.47
N TYR B 122 -38.75 -13.41 -41.98
CA TYR B 122 -39.50 -12.32 -42.60
C TYR B 122 -39.01 -12.04 -44.03
N ARG B 123 -37.77 -12.44 -44.32
CA ARG B 123 -37.20 -12.28 -45.64
C ARG B 123 -37.83 -13.22 -46.64
N LYS B 124 -37.72 -14.52 -46.37
CA LYS B 124 -38.29 -15.56 -47.23
C LYS B 124 -39.72 -15.20 -47.62
N LEU B 125 -40.48 -14.69 -46.65
CA LEU B 125 -41.86 -14.30 -46.88
C LEU B 125 -42.00 -13.14 -47.88
N LEU B 126 -40.89 -12.43 -48.12
CA LEU B 126 -40.89 -11.31 -49.06
C LEU B 126 -40.20 -11.63 -50.38
N GLU B 127 -39.85 -12.88 -50.59
CA GLU B 127 -39.24 -13.31 -51.84
C GLU B 127 -40.05 -14.44 -52.43
N GLY B 128 -41.35 -14.20 -52.57
CA GLY B 128 -42.24 -15.20 -53.11
C GLY B 128 -42.94 -14.70 -54.37
#